data_8IBP
#
_entry.id   8IBP
#
_cell.length_a   47.537
_cell.length_b   58.483
_cell.length_c   64.754
_cell.angle_alpha   90.00
_cell.angle_beta   90.00
_cell.angle_gamma   90.00
#
_symmetry.space_group_name_H-M   'P 21 21 21'
#
loop_
_entity.id
_entity.type
_entity.pdbx_description
1 polymer 'Negative regulator of genetic competence ClpC/mecB'
2 polymer Lassomycin
3 non-polymer 'ACETATE ION'
4 water water
#
loop_
_entity_poly.entity_id
_entity_poly.type
_entity_poly.pdbx_seq_one_letter_code
_entity_poly.pdbx_strand_id
1 'polypeptide(L)'
;MFERFTDRARRVVVLAQEEAKMLNHNYIGTEHILLGLIHEGEGVAAKSLESLGISLEGVRSQVEEIIGQGQQAPSGHIPF
TPRAKKVLELSLREALQLGHNYIGTEHILLGLIREGEGVAAQVLVKLGAELTRVRQQVIQLLS
;
A
2 'polypeptide(L)' GLRRLFADQAVGRRN(ILM) C
#
loop_
_chem_comp.id
_chem_comp.type
_chem_comp.name
_chem_comp.formula
ACT non-polymer 'ACETATE ION' 'C2 H3 O2 -1'
#
# COMPACT_ATOMS: atom_id res chain seq x y z
N MET A 1 11.65 -9.19 -5.52
CA MET A 1 11.51 -7.74 -5.38
C MET A 1 11.53 -7.30 -3.92
N PHE A 2 10.98 -8.16 -3.03
CA PHE A 2 10.96 -7.93 -1.59
CA PHE A 2 10.96 -7.92 -1.60
C PHE A 2 12.36 -7.74 -1.01
N GLU A 3 13.39 -8.28 -1.69
CA GLU A 3 14.74 -8.17 -1.19
C GLU A 3 15.28 -6.74 -1.24
N ARG A 4 14.63 -5.87 -2.03
CA ARG A 4 15.00 -4.46 -2.11
C ARG A 4 14.36 -3.59 -1.04
N PHE A 5 13.31 -4.09 -0.37
CA PHE A 5 12.53 -3.29 0.55
C PHE A 5 13.34 -2.95 1.80
N THR A 6 13.19 -1.72 2.29
CA THR A 6 13.67 -1.35 3.61
C THR A 6 12.88 -2.17 4.61
N ASP A 7 13.40 -2.26 5.84
CA ASP A 7 12.69 -2.96 6.89
C ASP A 7 11.29 -2.37 7.08
N ARG A 8 11.17 -1.04 7.01
CA ARG A 8 9.88 -0.42 7.28
C ARG A 8 8.94 -0.56 6.08
N ALA A 9 9.49 -0.64 4.86
CA ALA A 9 8.66 -0.99 3.70
C ALA A 9 8.11 -2.41 3.80
N ARG A 10 8.95 -3.33 4.27
CA ARG A 10 8.49 -4.69 4.50
C ARG A 10 7.35 -4.71 5.52
N ARG A 11 7.50 -3.90 6.59
CA ARG A 11 6.46 -3.76 7.60
C ARG A 11 5.14 -3.26 6.99
N VAL A 12 5.22 -2.34 6.01
CA VAL A 12 4.00 -1.86 5.36
C VAL A 12 3.22 -3.00 4.72
N VAL A 13 3.92 -3.86 3.96
CA VAL A 13 3.26 -4.92 3.22
CA VAL A 13 3.22 -4.90 3.23
C VAL A 13 2.76 -6.01 4.18
N VAL A 14 3.53 -6.27 5.26
CA VAL A 14 3.07 -7.20 6.26
C VAL A 14 1.77 -6.71 6.92
N LEU A 15 1.73 -5.41 7.24
CA LEU A 15 0.54 -4.85 7.87
C LEU A 15 -0.64 -4.79 6.89
N ALA A 16 -0.34 -4.59 5.59
CA ALA A 16 -1.39 -4.63 4.56
C ALA A 16 -2.10 -5.98 4.54
N GLN A 17 -1.29 -7.05 4.62
CA GLN A 17 -1.84 -8.40 4.67
C GLN A 17 -2.66 -8.60 5.94
N GLU A 18 -2.18 -8.10 7.10
CA GLU A 18 -2.96 -8.24 8.31
C GLU A 18 -4.28 -7.48 8.27
N GLU A 19 -4.27 -6.31 7.62
CA GLU A 19 -5.51 -5.55 7.50
C GLU A 19 -6.50 -6.33 6.61
N ALA A 20 -6.02 -6.89 5.47
CA ALA A 20 -6.89 -7.69 4.62
C ALA A 20 -7.50 -8.87 5.39
N LYS A 21 -6.66 -9.54 6.21
CA LYS A 21 -7.13 -10.63 7.04
C LYS A 21 -8.25 -10.21 8.00
N MET A 22 -8.07 -9.07 8.66
CA MET A 22 -9.02 -8.53 9.63
C MET A 22 -10.38 -8.21 8.99
N LEU A 23 -10.32 -7.78 7.73
CA LEU A 23 -11.52 -7.46 6.96
C LEU A 23 -12.15 -8.67 6.28
N ASN A 24 -11.55 -9.87 6.43
CA ASN A 24 -11.99 -11.08 5.76
C ASN A 24 -11.98 -10.88 4.25
N HIS A 25 -10.94 -10.20 3.80
CA HIS A 25 -10.74 -9.98 2.38
C HIS A 25 -9.87 -11.09 1.77
N ASN A 26 -10.07 -11.37 0.48
CA ASN A 26 -9.43 -12.49 -0.18
C ASN A 26 -8.18 -12.13 -0.99
N TYR A 27 -7.93 -10.82 -1.09
CA TYR A 27 -6.80 -10.27 -1.80
C TYR A 27 -6.25 -9.09 -1.00
N ILE A 28 -4.97 -8.81 -1.21
CA ILE A 28 -4.30 -7.61 -0.73
C ILE A 28 -4.41 -6.65 -1.91
N GLY A 29 -5.29 -5.67 -1.75
CA GLY A 29 -5.46 -4.64 -2.76
C GLY A 29 -4.67 -3.40 -2.45
N THR A 30 -4.73 -2.41 -3.36
CA THR A 30 -4.08 -1.13 -3.15
C THR A 30 -4.55 -0.46 -1.85
N GLU A 31 -5.80 -0.69 -1.45
CA GLU A 31 -6.37 -0.03 -0.29
C GLU A 31 -5.75 -0.64 0.97
N HIS A 32 -5.39 -1.92 0.87
CA HIS A 32 -4.74 -2.53 2.03
C HIS A 32 -3.31 -2.01 2.14
N ILE A 33 -2.65 -1.83 1.00
CA ILE A 33 -1.34 -1.20 1.00
CA ILE A 33 -1.34 -1.19 0.97
C ILE A 33 -1.42 0.19 1.64
N LEU A 34 -2.43 0.99 1.29
CA LEU A 34 -2.62 2.28 1.91
C LEU A 34 -2.80 2.19 3.43
N LEU A 35 -3.65 1.26 3.87
CA LEU A 35 -3.77 1.00 5.31
C LEU A 35 -2.46 0.59 5.97
N GLY A 36 -1.67 -0.23 5.28
CA GLY A 36 -0.34 -0.61 5.78
C GLY A 36 0.58 0.59 5.93
N LEU A 37 0.53 1.52 4.96
CA LEU A 37 1.35 2.71 5.01
C LEU A 37 1.04 3.58 6.24
N ILE A 38 -0.23 3.64 6.61
CA ILE A 38 -0.67 4.36 7.77
C ILE A 38 -0.31 3.61 9.06
N HIS A 39 -0.61 2.30 9.11
CA HIS A 39 -0.31 1.49 10.30
C HIS A 39 1.18 1.55 10.59
N GLU A 40 2.05 1.54 9.58
CA GLU A 40 3.48 1.55 9.82
C GLU A 40 3.89 2.75 10.66
N GLY A 41 3.20 3.88 10.53
CA GLY A 41 3.25 4.98 11.48
C GLY A 41 4.42 5.97 11.46
N GLU A 42 5.63 5.49 11.20
N GLU A 42 5.61 5.46 11.14
CA GLU A 42 6.81 6.33 11.38
CA GLU A 42 6.87 6.13 11.37
C GLU A 42 7.48 6.80 10.09
C GLU A 42 7.51 6.71 10.12
N GLY A 43 7.17 6.13 8.96
CA GLY A 43 7.86 6.44 7.71
C GLY A 43 7.37 7.70 7.03
N VAL A 44 8.08 8.10 5.98
CA VAL A 44 7.68 9.26 5.20
C VAL A 44 6.24 9.16 4.68
N ALA A 45 5.84 7.97 4.25
CA ALA A 45 4.46 7.78 3.79
C ALA A 45 3.46 8.08 4.92
N ALA A 46 3.62 7.43 6.08
CA ALA A 46 2.69 7.67 7.18
C ALA A 46 2.62 9.15 7.56
N LYS A 47 3.80 9.80 7.64
CA LYS A 47 3.88 11.19 8.04
C LYS A 47 3.24 12.08 6.99
N SER A 48 3.46 11.75 5.71
CA SER A 48 2.84 12.50 4.62
C SER A 48 1.31 12.41 4.69
N LEU A 49 0.80 11.19 4.85
CA LEU A 49 -0.64 10.98 4.95
C LEU A 49 -1.28 11.66 6.16
N GLU A 50 -0.61 11.59 7.32
CA GLU A 50 -1.06 12.33 8.49
C GLU A 50 -1.12 13.84 8.23
N SER A 51 -0.08 14.39 7.59
CA SER A 51 -0.06 15.79 7.17
C SER A 51 -1.19 16.23 6.25
N LEU A 52 -1.63 15.33 5.36
CA LEU A 52 -2.64 15.60 4.36
C LEU A 52 -4.03 15.27 4.89
N GLY A 53 -4.09 14.91 6.18
CA GLY A 53 -5.33 14.58 6.87
C GLY A 53 -5.94 13.21 6.56
N ILE A 54 -5.12 12.26 6.07
CA ILE A 54 -5.62 10.94 5.72
C ILE A 54 -5.40 9.97 6.88
N SER A 55 -6.50 9.57 7.53
CA SER A 55 -6.47 8.81 8.76
C SER A 55 -6.78 7.32 8.55
N LEU A 56 -6.25 6.47 9.44
CA LEU A 56 -6.60 5.06 9.42
C LEU A 56 -8.13 4.84 9.43
N GLU A 57 -8.85 5.55 10.31
N GLU A 57 -8.81 5.57 10.33
CA GLU A 57 -10.29 5.42 10.41
CA GLU A 57 -10.26 5.52 10.47
C GLU A 57 -11.04 5.88 9.15
C GLU A 57 -11.01 5.88 9.19
N GLY A 58 -10.62 7.00 8.55
CA GLY A 58 -11.20 7.45 7.31
C GLY A 58 -11.06 6.47 6.15
N VAL A 59 -9.86 5.89 6.02
CA VAL A 59 -9.62 4.89 4.99
C VAL A 59 -10.44 3.62 5.28
N ARG A 60 -10.38 3.11 6.51
CA ARG A 60 -11.18 1.96 6.87
C ARG A 60 -12.66 2.15 6.59
N SER A 61 -13.19 3.34 6.94
CA SER A 61 -14.59 3.69 6.67
C SER A 61 -14.93 3.61 5.19
N GLN A 62 -14.06 4.20 4.37
CA GLN A 62 -14.24 4.17 2.93
C GLN A 62 -14.18 2.75 2.39
N VAL A 63 -13.23 1.94 2.88
CA VAL A 63 -13.08 0.57 2.40
C VAL A 63 -14.32 -0.26 2.76
N GLU A 64 -14.87 0.01 3.95
CA GLU A 64 -16.10 -0.65 4.36
C GLU A 64 -17.28 -0.29 3.46
N GLU A 65 -17.35 0.98 3.01
CA GLU A 65 -18.43 1.41 2.13
C GLU A 65 -18.27 0.78 0.76
N ILE A 66 -17.05 0.78 0.21
CA ILE A 66 -16.78 0.35 -1.15
C ILE A 66 -16.78 -1.16 -1.31
N ILE A 67 -16.03 -1.85 -0.43
CA ILE A 67 -15.81 -3.29 -0.52
CA ILE A 67 -15.84 -3.29 -0.55
C ILE A 67 -16.68 -4.07 0.46
N GLY A 68 -16.67 -3.65 1.74
CA GLY A 68 -17.41 -4.33 2.79
C GLY A 68 -16.62 -5.48 3.44
N GLN A 69 -16.88 -5.73 4.72
CA GLN A 69 -16.35 -6.89 5.43
C GLN A 69 -16.78 -8.19 4.74
N GLY A 70 -15.83 -9.12 4.53
CA GLY A 70 -16.16 -10.46 4.08
C GLY A 70 -16.72 -11.31 5.24
N GLN A 71 -17.30 -12.46 4.93
CA GLN A 71 -17.97 -13.24 5.96
C GLN A 71 -17.11 -14.38 6.51
N GLN A 72 -16.05 -14.73 5.79
CA GLN A 72 -15.27 -15.89 6.18
C GLN A 72 -13.80 -15.51 6.30
N ALA A 73 -13.16 -15.97 7.38
CA ALA A 73 -11.75 -15.71 7.60
C ALA A 73 -10.92 -16.32 6.47
N PRO A 74 -10.04 -15.53 5.82
CA PRO A 74 -9.17 -16.05 4.75
C PRO A 74 -7.96 -16.74 5.36
N SER A 75 -7.11 -17.33 4.51
CA SER A 75 -5.93 -18.02 4.99
C SER A 75 -4.89 -17.02 5.48
N GLY A 76 -3.83 -17.54 6.09
CA GLY A 76 -2.76 -16.71 6.61
C GLY A 76 -2.10 -15.85 5.55
N HIS A 77 -1.96 -16.39 4.33
CA HIS A 77 -1.26 -15.69 3.28
C HIS A 77 -2.24 -15.40 2.14
N ILE A 78 -2.40 -14.10 1.90
CA ILE A 78 -3.40 -13.57 0.97
CA ILE A 78 -3.39 -13.55 0.98
C ILE A 78 -2.67 -13.06 -0.27
N PRO A 79 -3.13 -13.41 -1.49
CA PRO A 79 -2.47 -12.93 -2.72
C PRO A 79 -2.79 -11.47 -3.01
N PHE A 80 -1.86 -10.81 -3.72
CA PHE A 80 -2.08 -9.44 -4.17
C PHE A 80 -3.07 -9.40 -5.33
N THR A 81 -3.85 -8.33 -5.39
CA THR A 81 -4.60 -8.03 -6.60
C THR A 81 -3.61 -7.71 -7.72
N PRO A 82 -3.98 -7.88 -9.00
CA PRO A 82 -3.17 -7.35 -10.10
C PRO A 82 -2.77 -5.89 -9.95
N ARG A 83 -3.69 -5.03 -9.51
CA ARG A 83 -3.38 -3.61 -9.38
C ARG A 83 -2.35 -3.40 -8.27
N ALA A 84 -2.44 -4.17 -7.17
CA ALA A 84 -1.44 -4.03 -6.12
C ALA A 84 -0.05 -4.52 -6.53
N LYS A 85 0.02 -5.62 -7.30
CA LYS A 85 1.26 -6.06 -7.93
CA LYS A 85 1.27 -6.05 -7.91
C LYS A 85 1.85 -4.94 -8.77
N LYS A 86 1.00 -4.31 -9.59
CA LYS A 86 1.45 -3.19 -10.43
C LYS A 86 2.01 -2.07 -9.57
N VAL A 87 1.33 -1.76 -8.45
CA VAL A 87 1.81 -0.73 -7.54
C VAL A 87 3.20 -1.08 -7.02
N LEU A 88 3.42 -2.33 -6.61
CA LEU A 88 4.74 -2.68 -6.11
C LEU A 88 5.83 -2.57 -7.20
N GLU A 89 5.51 -3.00 -8.42
CA GLU A 89 6.43 -2.87 -9.55
C GLU A 89 6.76 -1.41 -9.86
N LEU A 90 5.75 -0.54 -9.78
CA LEU A 90 5.97 0.89 -9.96
C LEU A 90 6.74 1.53 -8.82
N SER A 91 6.62 0.97 -7.59
CA SER A 91 7.38 1.49 -6.47
CA SER A 91 7.39 1.51 -6.47
C SER A 91 8.87 1.30 -6.72
N LEU A 92 9.23 0.13 -7.28
CA LEU A 92 10.60 -0.13 -7.69
C LEU A 92 11.05 0.91 -8.72
N ARG A 93 10.18 1.18 -9.71
CA ARG A 93 10.59 2.11 -10.74
C ARG A 93 10.74 3.54 -10.24
N GLU A 94 9.92 3.92 -9.25
CA GLU A 94 10.05 5.23 -8.62
C GLU A 94 11.42 5.32 -7.96
N ALA A 95 11.75 4.31 -7.15
CA ALA A 95 13.03 4.30 -6.46
C ALA A 95 14.21 4.36 -7.42
N LEU A 96 14.18 3.52 -8.46
CA LEU A 96 15.26 3.50 -9.43
C LEU A 96 15.45 4.87 -10.11
N GLN A 97 14.34 5.50 -10.53
CA GLN A 97 14.45 6.78 -11.19
C GLN A 97 14.95 7.90 -10.28
N LEU A 98 14.62 7.80 -8.97
CA LEU A 98 15.08 8.79 -8.03
C LEU A 98 16.51 8.52 -7.53
N GLY A 99 17.13 7.41 -7.99
CA GLY A 99 18.50 7.08 -7.68
C GLY A 99 18.69 6.22 -6.43
N HIS A 100 17.65 5.49 -6.03
CA HIS A 100 17.71 4.66 -4.82
C HIS A 100 17.75 3.18 -5.22
N ASN A 101 18.59 2.37 -4.53
CA ASN A 101 18.62 0.96 -4.85
C ASN A 101 17.73 0.15 -3.90
N TYR A 102 17.04 0.85 -3.00
CA TYR A 102 16.12 0.25 -2.05
C TYR A 102 14.74 0.85 -2.26
N ILE A 103 13.71 0.16 -1.79
CA ILE A 103 12.34 0.65 -1.80
C ILE A 103 11.90 0.98 -0.38
N GLY A 104 11.68 2.26 -0.08
CA GLY A 104 11.16 2.68 1.21
C GLY A 104 9.65 2.92 1.19
N THR A 105 9.10 3.32 2.35
CA THR A 105 7.67 3.59 2.47
C THR A 105 7.26 4.69 1.47
N GLU A 106 8.15 5.67 1.26
CA GLU A 106 7.91 6.78 0.36
C GLU A 106 7.66 6.28 -1.06
N HIS A 107 8.41 5.24 -1.47
CA HIS A 107 8.35 4.75 -2.84
C HIS A 107 7.09 3.96 -3.07
N ILE A 108 6.62 3.24 -2.03
CA ILE A 108 5.38 2.51 -2.11
C ILE A 108 4.22 3.50 -2.31
N LEU A 109 4.22 4.59 -1.54
CA LEU A 109 3.20 5.62 -1.71
C LEU A 109 3.29 6.30 -3.07
N LEU A 110 4.50 6.61 -3.55
CA LEU A 110 4.68 7.19 -4.87
C LEU A 110 4.20 6.20 -5.92
N GLY A 111 4.45 4.89 -5.75
CA GLY A 111 3.98 3.92 -6.71
C GLY A 111 2.45 3.82 -6.74
N LEU A 112 1.82 3.93 -5.56
CA LEU A 112 0.37 3.92 -5.46
C LEU A 112 -0.25 5.11 -6.22
N ILE A 113 0.37 6.27 -6.07
CA ILE A 113 -0.08 7.47 -6.77
CA ILE A 113 -0.05 7.47 -6.77
C ILE A 113 0.18 7.33 -8.27
N ARG A 114 1.32 6.75 -8.65
CA ARG A 114 1.69 6.60 -10.05
C ARG A 114 0.69 5.71 -10.79
N GLU A 115 0.31 4.60 -10.16
CA GLU A 115 -0.71 3.72 -10.71
C GLU A 115 -2.04 4.46 -10.83
N GLY A 116 -2.50 5.01 -9.71
CA GLY A 116 -3.51 6.07 -9.68
C GLY A 116 -4.96 5.71 -10.02
N GLU A 117 -5.28 4.41 -10.10
CA GLU A 117 -6.56 4.00 -10.66
C GLU A 117 -7.39 3.09 -9.78
N GLY A 118 -6.73 2.42 -8.82
CA GLY A 118 -7.37 1.41 -7.99
C GLY A 118 -8.19 1.93 -6.81
N VAL A 119 -8.50 1.03 -5.88
CA VAL A 119 -9.35 1.39 -4.76
C VAL A 119 -8.70 2.42 -3.82
N ALA A 120 -7.38 2.25 -3.52
CA ALA A 120 -6.71 3.27 -2.73
C ALA A 120 -6.83 4.69 -3.31
N ALA A 121 -6.66 4.81 -4.65
CA ALA A 121 -6.67 6.09 -5.33
C ALA A 121 -8.06 6.71 -5.21
N GLN A 122 -9.07 5.87 -5.40
CA GLN A 122 -10.46 6.27 -5.23
C GLN A 122 -10.74 6.78 -3.82
N VAL A 123 -10.19 6.07 -2.81
CA VAL A 123 -10.39 6.46 -1.43
C VAL A 123 -9.69 7.78 -1.09
N LEU A 124 -8.46 7.97 -1.56
CA LEU A 124 -7.72 9.20 -1.29
C LEU A 124 -8.51 10.42 -1.81
N VAL A 125 -9.01 10.31 -3.04
CA VAL A 125 -9.77 11.40 -3.65
C VAL A 125 -11.07 11.65 -2.88
N LYS A 126 -11.76 10.57 -2.50
CA LYS A 126 -12.98 10.66 -1.69
CA LYS A 126 -12.99 10.72 -1.73
C LYS A 126 -12.68 11.34 -0.36
N LEU A 127 -11.47 11.14 0.16
CA LEU A 127 -11.09 11.77 1.41
C LEU A 127 -10.48 13.17 1.27
N GLY A 128 -10.37 13.68 0.04
CA GLY A 128 -9.95 15.07 -0.18
C GLY A 128 -8.47 15.28 -0.48
N ALA A 129 -7.80 14.20 -0.89
CA ALA A 129 -6.36 14.23 -1.10
C ALA A 129 -6.06 13.93 -2.57
N GLU A 130 -5.86 14.98 -3.35
CA GLU A 130 -5.53 14.77 -4.75
CA GLU A 130 -5.46 14.88 -4.75
C GLU A 130 -4.13 14.15 -4.80
N LEU A 131 -4.03 13.15 -5.68
CA LEU A 131 -2.82 12.35 -5.83
C LEU A 131 -1.56 13.21 -6.05
N THR A 132 -1.72 14.33 -6.77
CA THR A 132 -0.60 15.21 -7.07
C THR A 132 -0.03 15.85 -5.82
N ARG A 133 -0.95 16.30 -4.95
CA ARG A 133 -0.60 16.84 -3.65
CA ARG A 133 -0.64 16.81 -3.62
C ARG A 133 0.11 15.79 -2.77
N VAL A 134 -0.34 14.52 -2.85
CA VAL A 134 0.24 13.47 -2.03
C VAL A 134 1.70 13.33 -2.44
N ARG A 135 2.02 13.22 -3.74
CA ARG A 135 3.38 13.08 -4.23
CA ARG A 135 3.41 13.00 -4.08
C ARG A 135 4.28 14.23 -3.83
N GLN A 136 3.74 15.44 -3.96
CA GLN A 136 4.47 16.64 -3.59
CA GLN A 136 4.46 16.64 -3.58
C GLN A 136 4.84 16.60 -2.10
N GLN A 137 3.88 16.22 -1.26
CA GLN A 137 4.16 16.03 0.17
C GLN A 137 5.29 15.05 0.50
N VAL A 138 5.21 13.87 -0.10
CA VAL A 138 6.29 12.89 -0.04
C VAL A 138 7.62 13.52 -0.45
N ILE A 139 7.71 14.05 -1.67
CA ILE A 139 8.95 14.59 -2.21
CA ILE A 139 9.01 14.50 -2.15
C ILE A 139 9.48 15.67 -1.26
N GLN A 140 8.53 16.44 -0.73
CA GLN A 140 8.82 17.51 0.20
C GLN A 140 9.45 17.00 1.50
N LEU A 141 8.77 16.03 2.11
CA LEU A 141 9.32 15.46 3.34
C LEU A 141 10.69 14.81 3.11
N LEU A 142 10.93 14.31 1.90
CA LEU A 142 12.21 13.72 1.52
C LEU A 142 13.34 14.72 1.33
N SER A 143 13.01 15.98 1.04
CA SER A 143 13.97 16.94 0.55
C SER A 143 14.55 17.78 1.69
N GLY B 1 4.68 -13.87 -2.02
CA GLY B 1 5.04 -13.73 -3.43
C GLY B 1 3.98 -12.87 -4.08
N LEU B 2 4.05 -12.81 -5.42
CA LEU B 2 3.23 -11.92 -6.23
C LEU B 2 2.19 -12.69 -7.05
N ARG B 3 2.02 -14.00 -6.78
CA ARG B 3 1.02 -14.82 -7.46
C ARG B 3 0.06 -15.51 -6.48
N ARG B 4 -0.21 -16.82 -6.66
CA ARG B 4 -1.44 -17.41 -6.14
C ARG B 4 -1.41 -18.70 -5.31
N LEU B 5 -0.57 -19.69 -5.64
CA LEU B 5 -0.77 -21.05 -5.13
C LEU B 5 -0.50 -21.30 -3.63
N PHE B 6 0.73 -21.06 -3.15
CA PHE B 6 1.05 -21.35 -1.75
C PHE B 6 1.77 -20.17 -1.13
N ALA B 7 1.90 -20.22 0.22
CA ALA B 7 2.32 -19.06 0.96
C ALA B 7 3.78 -18.71 0.70
N ASP B 8 4.03 -17.42 0.38
CA ASP B 8 5.37 -16.89 0.49
C ASP B 8 5.76 -16.85 1.95
N GLN B 9 7.04 -16.55 2.18
CA GLN B 9 7.57 -16.56 3.54
CA GLN B 9 7.61 -16.52 3.51
C GLN B 9 6.86 -15.52 4.39
N ALA B 10 6.74 -14.29 3.89
CA ALA B 10 6.17 -13.20 4.64
C ALA B 10 4.78 -12.77 4.18
N VAL B 11 4.66 -12.39 2.90
CA VAL B 11 3.43 -11.82 2.41
CA VAL B 11 3.40 -11.87 2.43
C VAL B 11 3.09 -12.39 1.03
N GLY B 12 1.79 -12.61 0.81
CA GLY B 12 1.33 -13.04 -0.49
C GLY B 12 1.57 -14.53 -0.76
N ARG B 13 1.34 -14.90 -2.03
CA ARG B 13 1.38 -16.27 -2.44
C ARG B 13 2.19 -16.33 -3.73
N ARG B 14 2.64 -17.54 -4.04
CA ARG B 14 3.46 -17.78 -5.19
C ARG B 14 2.99 -19.08 -5.82
N ASN B 15 3.38 -19.21 -7.06
CA ASN B 15 3.15 -20.44 -7.78
C ASN B 15 4.42 -21.25 -7.79
C ILM B 16 6.48 -22.86 -9.39
N ILM B 16 4.30 -22.54 -8.33
O ILM B 16 6.17 -22.39 -10.45
OXT ILM B 16 7.72 -22.94 -8.92
CA ILM B 16 5.47 -23.45 -8.41
CB ILM B 16 5.01 -24.86 -8.83
CD1 ILM B 16 3.28 -26.63 -8.22
CE1 ILM B 16 8.77 -22.42 -9.79
CG1 ILM B 16 4.17 -25.52 -7.73
CG2 ILM B 16 6.18 -25.73 -9.27
C ACT C . -6.91 -2.66 -6.19
O ACT C . -7.05 -1.43 -6.01
OXT ACT C . -5.97 -3.37 -5.72
CH3 ACT C . -7.93 -3.41 -7.00
C ACT D . -4.46 3.78 15.50
O ACT D . -5.68 4.07 15.38
OXT ACT D . -3.68 3.53 14.53
CH3 ACT D . -3.89 3.71 16.91
#